data_3LDR
#
_entry.id   3LDR
#
_cell.length_a   99.076
_cell.length_b   110.431
_cell.length_c   65.881
_cell.angle_alpha   90.00
_cell.angle_beta   90.00
_cell.angle_gamma   90.00
#
_symmetry.space_group_name_H-M   'P 21 21 2'
#
loop_
_entity.id
_entity.type
_entity.pdbx_description
1 polymer Fructosyltransferase
2 branched beta-D-fructofuranose-(2-1)-beta-D-fructofuranose-(2-1)-alpha-D-glucopyranose
3 water water
#
_entity_poly.entity_id   1
_entity_poly.type   'polypeptide(L)'
_entity_poly.pdbx_seq_one_letter_code
;SYHLDTTAPPPTNLSTLPNNTLFHLWRPRAHILPAEGQIGDPCAHYTDPSTGLFHVGFLHDGDGIAGATTANLATYTDTS
DNGSFLIQPGGKNDPVAVFDGAVIPVGVNNTPTLLYTSVSFLPIHWSIPYTRGSETQSLAVARDGGRRFDKLDQGPVIAD
HPFAVDVTAFRAPFVFRSARLDVLLSLDEEVARNETAVQQAVDGWTEKNAPWYVAVSGGVHGVGPAQFLYRQNGGNASEF
QYWEYLGEWWQEATNSSWGDEGTWAGRWGFNFETGNVLFLTEEGHDPQTGEVFVTLGTEGSGLPIVPQVSSIHDMLWAAG
EVGVGSEQEGAKVEFSPSMAGFLDWGFSAYAAAGKVLPASSAVSKTSGVEVDRYVSFVWLTGDQYEQADGFPTAQQGWTG
SLLLPRELKVQTVENVVDNELVREEGVSWVVGESDNQTATLRTLGITIARETKAALLANGSVTAEEDRTLQTAAVVPFAQ
SPSSKFFVLTAQLEFPASARSSPLQSGFEILASELERTAIYYQFSNESLVVDRSQTSAAAPTNPGLDSFTESGKLRLFDV
IENGQEQVETLDLTVVVDNAVVEVYANGRFALSTWARSWYDNSTQIRFFHNGEGEVQFRNVSVSEGLYNAWPER
;
_entity_poly.pdbx_strand_id   A
#
# COMPACT_ATOMS: atom_id res chain seq x y z
N SER A 1 12.75 -36.66 18.15
CA SER A 1 13.33 -35.40 17.61
C SER A 1 12.81 -35.15 16.20
N TYR A 2 11.97 -34.13 16.04
CA TYR A 2 11.39 -33.79 14.75
C TYR A 2 12.16 -32.72 13.98
N HIS A 3 12.83 -33.14 12.91
CA HIS A 3 13.56 -32.20 12.07
C HIS A 3 12.63 -31.97 10.88
N LEU A 4 12.63 -30.61 10.51
CA LEU A 4 11.75 -30.22 9.42
C LEU A 4 11.96 -30.96 8.09
N ASP A 5 10.94 -31.73 7.71
CA ASP A 5 10.94 -32.46 6.45
C ASP A 5 9.67 -32.12 5.67
N THR A 6 9.82 -31.27 4.66
CA THR A 6 8.70 -30.77 3.87
C THR A 6 8.35 -31.64 2.66
N THR A 7 8.68 -32.84 2.77
CA THR A 7 8.33 -33.79 1.71
C THR A 7 7.37 -34.75 2.40
N ALA A 8 7.33 -34.63 3.73
CA ALA A 8 6.46 -35.47 4.55
C ALA A 8 5.31 -34.63 5.10
N PRO A 9 4.22 -35.30 5.52
CA PRO A 9 3.07 -34.59 6.07
C PRO A 9 3.47 -33.68 7.22
N PRO A 10 2.78 -32.54 7.36
CA PRO A 10 3.14 -31.63 8.45
C PRO A 10 2.66 -32.15 9.80
N PRO A 11 3.35 -31.78 10.88
CA PRO A 11 2.94 -32.23 12.21
C PRO A 11 1.57 -31.64 12.46
N THR A 12 0.78 -32.23 13.35
CA THR A 12 -0.55 -31.68 13.59
C THR A 12 -0.49 -30.29 14.21
N ASN A 13 0.37 -30.10 15.19
CA ASN A 13 0.47 -28.78 15.82
C ASN A 13 1.84 -28.16 15.60
N LEU A 14 1.90 -27.22 14.68
CA LEU A 14 3.14 -26.53 14.33
C LEU A 14 3.70 -25.76 15.52
N SER A 15 2.83 -25.33 16.42
CA SER A 15 3.28 -24.56 17.56
C SER A 15 4.05 -25.35 18.61
N THR A 16 4.19 -26.66 18.41
CA THR A 16 4.92 -27.50 19.36
C THR A 16 6.38 -27.61 18.93
N LEU A 17 6.66 -27.29 17.66
CA LEU A 17 8.01 -27.36 17.12
C LEU A 17 8.99 -26.45 17.83
N PRO A 18 10.30 -26.71 17.67
CA PRO A 18 11.33 -25.89 18.30
C PRO A 18 11.42 -24.50 17.67
N ASN A 19 11.90 -23.54 18.45
CA ASN A 19 12.04 -22.17 17.97
C ASN A 19 12.79 -22.13 16.65
N ASN A 20 12.43 -21.17 15.80
CA ASN A 20 13.05 -20.96 14.49
C ASN A 20 13.07 -22.14 13.53
N THR A 21 12.34 -23.19 13.84
CA THR A 21 12.30 -24.38 12.99
C THR A 21 11.67 -24.10 11.62
N LEU A 22 10.72 -23.17 11.58
CA LEU A 22 10.01 -22.82 10.35
C LEU A 22 10.53 -21.53 9.71
N PHE A 23 11.72 -21.09 10.11
CA PHE A 23 12.29 -19.84 9.60
C PHE A 23 12.31 -19.61 8.09
N HIS A 24 12.77 -20.59 7.32
CA HIS A 24 12.83 -20.42 5.87
C HIS A 24 11.65 -20.96 5.08
N LEU A 25 10.83 -21.80 5.71
CA LEU A 25 9.69 -22.42 5.04
C LEU A 25 8.85 -21.51 4.15
N TRP A 26 8.42 -20.37 4.68
CA TRP A 26 7.58 -19.45 3.94
C TRP A 26 8.22 -18.08 3.65
N ARG A 27 9.47 -17.92 4.07
CA ARG A 27 10.18 -16.65 3.90
C ARG A 27 10.49 -16.24 2.46
N PRO A 28 10.23 -14.98 2.09
CA PRO A 28 10.49 -14.47 0.74
C PRO A 28 11.97 -14.13 0.55
N ARG A 29 12.40 -13.93 -0.69
CA ARG A 29 13.81 -13.60 -0.94
C ARG A 29 13.97 -12.26 -1.65
N ALA A 30 12.88 -11.78 -2.26
CA ALA A 30 12.95 -10.51 -2.98
C ALA A 30 12.15 -9.40 -2.33
N HIS A 31 11.74 -9.50 -1.09
CA HIS A 31 10.96 -8.49 -0.38
C HIS A 31 11.70 -7.81 0.77
N ILE A 32 11.20 -6.75 1.21
CA ILE A 32 11.76 -6.00 2.32
C ILE A 32 11.20 -6.44 3.67
N LEU A 33 12.09 -6.95 4.51
CA LEU A 33 11.75 -7.39 5.86
C LEU A 33 13.06 -7.46 6.65
N PRO A 34 12.99 -7.30 7.98
CA PRO A 34 14.20 -7.35 8.81
C PRO A 34 14.88 -8.71 8.75
N ALA A 35 16.10 -8.80 9.24
CA ALA A 35 16.83 -10.06 9.22
C ALA A 35 16.05 -11.14 10.00
N GLU A 36 15.31 -10.70 11.01
CA GLU A 36 14.49 -11.60 11.82
C GLU A 36 13.49 -10.77 12.62
N GLY A 37 12.62 -11.43 13.37
CA GLY A 37 11.66 -10.69 14.16
C GLY A 37 10.47 -10.17 13.37
N GLN A 38 9.72 -9.25 13.99
CA GLN A 38 8.53 -8.74 13.31
C GLN A 38 8.67 -7.35 12.72
N ILE A 39 7.95 -7.13 11.63
CA ILE A 39 7.97 -5.84 10.97
C ILE A 39 6.57 -5.24 11.02
N GLY A 40 6.50 -3.96 11.34
CA GLY A 40 5.24 -3.25 11.40
C GLY A 40 5.19 -2.22 10.28
N ASP A 41 4.45 -1.14 10.52
CA ASP A 41 4.30 -0.08 9.52
C ASP A 41 5.58 0.44 8.90
N PRO A 42 5.66 0.50 7.58
CA PRO A 42 6.90 0.99 6.94
C PRO A 42 6.98 2.51 7.07
N CYS A 43 8.15 3.12 7.31
CA CYS A 43 8.07 4.56 7.51
C CYS A 43 9.46 5.18 7.55
N ALA A 44 9.44 6.50 7.52
CA ALA A 44 10.60 7.34 7.43
C ALA A 44 11.36 7.14 6.12
N HIS A 45 10.68 7.06 4.97
CA HIS A 45 11.53 6.95 3.78
C HIS A 45 11.95 8.35 3.33
N TYR A 46 13.07 8.43 2.61
CA TYR A 46 13.55 9.70 2.08
C TYR A 46 14.78 9.49 1.22
N THR A 47 14.97 10.40 0.27
CA THR A 47 16.13 10.35 -0.60
C THR A 47 17.15 11.26 0.08
N ASP A 48 18.32 10.73 0.40
CA ASP A 48 19.34 11.55 1.04
C ASP A 48 19.93 12.52 0.01
N PRO A 49 19.75 13.84 0.23
CA PRO A 49 20.25 14.90 -0.66
C PRO A 49 21.71 14.69 -1.01
N SER A 50 22.52 14.49 0.02
CA SER A 50 23.96 14.31 -0.12
C SER A 50 24.38 13.12 -0.98
N THR A 51 23.87 11.93 -0.64
CA THR A 51 24.25 10.72 -1.34
C THR A 51 23.36 10.28 -2.51
N GLY A 52 22.12 10.76 -2.53
CA GLY A 52 21.21 10.36 -3.58
C GLY A 52 20.64 8.98 -3.30
N LEU A 53 21.08 8.38 -2.20
CA LEU A 53 20.59 7.06 -1.82
C LEU A 53 19.15 7.17 -1.29
N PHE A 54 18.37 6.12 -1.47
CA PHE A 54 17.00 6.09 -0.98
C PHE A 54 16.96 5.27 0.30
N HIS A 55 16.51 5.88 1.38
CA HIS A 55 16.41 5.20 2.66
C HIS A 55 14.98 4.67 2.87
N VAL A 56 14.87 3.48 3.44
CA VAL A 56 13.57 2.88 3.72
C VAL A 56 13.46 2.65 5.21
N GLY A 57 12.28 2.89 5.79
CA GLY A 57 12.11 2.69 7.21
C GLY A 57 10.88 1.85 7.53
N PHE A 58 10.82 1.31 8.75
CA PHE A 58 9.69 0.51 9.19
C PHE A 58 9.77 0.21 10.67
N LEU A 59 8.62 0.15 11.32
CA LEU A 59 8.57 -0.16 12.74
C LEU A 59 9.09 -1.59 12.83
N HIS A 60 9.78 -1.89 13.92
CA HIS A 60 10.37 -3.21 14.09
C HIS A 60 10.24 -3.68 15.54
N ASP A 61 9.60 -4.84 15.70
CA ASP A 61 9.37 -5.46 17.01
C ASP A 61 8.63 -4.57 17.98
N GLY A 62 7.86 -3.61 17.46
CA GLY A 62 7.14 -2.69 18.32
C GLY A 62 8.11 -1.93 19.21
N ASP A 63 9.37 -1.83 18.78
CA ASP A 63 10.38 -1.15 19.58
C ASP A 63 11.12 -0.05 18.82
N GLY A 64 10.41 0.61 17.91
CA GLY A 64 11.02 1.68 17.15
C GLY A 64 11.08 1.50 15.64
N ILE A 65 11.76 2.45 15.00
CA ILE A 65 11.92 2.46 13.56
C ILE A 65 13.31 1.92 13.18
N ALA A 66 13.32 0.94 12.28
CA ALA A 66 14.57 0.35 11.79
C ALA A 66 14.74 0.87 10.37
N GLY A 67 15.93 0.71 9.80
CA GLY A 67 16.12 1.22 8.45
C GLY A 67 17.02 0.42 7.54
N ALA A 68 17.04 0.81 6.28
CA ALA A 68 17.88 0.17 5.28
C ALA A 68 17.97 1.17 4.15
N THR A 69 18.97 1.00 3.28
CA THR A 69 19.16 1.90 2.17
C THR A 69 19.29 1.15 0.86
N THR A 70 19.00 1.83 -0.24
CA THR A 70 19.15 1.22 -1.54
C THR A 70 19.68 2.25 -2.52
N ALA A 71 20.42 1.78 -3.52
CA ALA A 71 21.00 2.64 -4.53
C ALA A 71 20.34 2.38 -5.88
N ASN A 72 19.57 1.18 -5.83
CA ASN A 72 18.90 0.81 -7.08
C ASN A 72 17.41 0.54 -6.94
N LEU A 73 16.80 0.44 -5.71
CA LEU A 73 15.41 0.07 -5.46
C LEU A 73 15.14 -1.43 -5.65
N ALA A 74 16.11 -2.16 -6.18
CA ALA A 74 15.97 -3.63 -6.27
C ALA A 74 16.53 -4.41 -5.04
N THR A 75 17.71 -4.00 -4.60
CA THR A 75 18.52 -4.63 -3.55
C THR A 75 18.75 -3.63 -2.42
N TYR A 76 18.90 -4.13 -1.11
CA TYR A 76 18.98 -3.31 0.08
C TYR A 76 20.09 -3.71 1.04
N THR A 77 20.47 -2.77 1.89
CA THR A 77 21.50 -2.98 2.88
C THR A 77 21.00 -2.44 4.23
N ASP A 78 21.08 -3.25 5.27
CA ASP A 78 20.65 -2.81 6.59
C ASP A 78 21.54 -1.67 7.08
N THR A 79 20.96 -0.69 7.75
CA THR A 79 21.76 0.43 8.24
C THR A 79 22.70 -0.01 9.35
N SER A 80 22.29 -1.15 10.05
CA SER A 80 23.16 -1.61 11.12
C SER A 80 22.75 -3.00 11.58
N ASP A 81 23.55 -3.55 12.48
CA ASP A 81 23.24 -4.86 13.07
C ASP A 81 22.43 -4.68 14.34
N ASN A 82 22.10 -5.78 15.01
CA ASN A 82 21.42 -5.68 16.31
C ASN A 82 20.07 -4.97 16.19
N GLY A 83 19.40 -5.44 15.07
CA GLY A 83 18.07 -4.94 14.76
C GLY A 83 18.07 -3.81 13.73
N SER A 84 19.20 -3.12 13.59
CA SER A 84 19.31 -2.05 12.60
C SER A 84 18.36 -0.90 12.88
N PHE A 85 18.12 -0.62 14.16
CA PHE A 85 17.27 0.47 14.62
C PHE A 85 17.83 1.86 14.39
N LEU A 86 16.94 2.78 14.03
CA LEU A 86 17.30 4.17 13.82
C LEU A 86 16.96 4.99 15.06
N ILE A 87 15.80 4.74 15.65
CA ILE A 87 15.36 5.46 16.84
C ILE A 87 14.42 4.54 17.59
N GLN A 88 14.49 4.58 18.92
CA GLN A 88 13.67 3.73 19.79
C GLN A 88 13.11 4.51 20.99
N PRO A 89 12.12 3.95 21.64
CA PRO A 89 11.51 4.64 22.79
C PRO A 89 12.41 4.72 24.03
N GLY A 90 11.90 5.58 25.04
CA GLY A 90 12.70 5.73 26.24
C GLY A 90 13.15 7.16 26.47
N GLY A 91 12.90 8.09 25.44
CA GLY A 91 13.26 9.49 25.60
C GLY A 91 12.22 10.10 26.52
N LYS A 92 12.30 11.42 26.74
CA LYS A 92 11.35 12.11 27.59
C LYS A 92 10.02 12.31 26.87
N ASN A 93 10.06 12.40 25.54
CA ASN A 93 8.85 12.60 24.75
C ASN A 93 8.17 11.29 24.37
N ASP A 94 8.94 10.21 24.31
CA ASP A 94 8.38 8.91 23.94
C ASP A 94 8.79 7.83 24.93
N PRO A 95 8.42 8.02 26.20
CA PRO A 95 8.76 7.04 27.23
C PRO A 95 8.20 5.65 26.98
N VAL A 96 7.04 5.59 26.32
CA VAL A 96 6.39 4.31 26.07
C VAL A 96 6.62 3.70 24.70
N ALA A 97 6.53 4.50 23.65
CA ALA A 97 6.73 3.96 22.30
C ALA A 97 7.01 5.00 21.23
N VAL A 98 7.53 4.51 20.10
CA VAL A 98 7.84 5.32 18.93
C VAL A 98 6.99 4.77 17.77
N PHE A 99 6.05 5.59 17.29
CA PHE A 99 5.18 5.21 16.19
C PHE A 99 5.67 5.80 14.86
N ASP A 100 4.86 5.69 13.80
CA ASP A 100 5.26 6.19 12.48
C ASP A 100 5.70 7.65 12.44
N GLY A 101 6.51 7.96 11.42
CA GLY A 101 7.00 9.31 11.24
C GLY A 101 7.46 9.50 9.79
N ALA A 102 7.75 10.74 9.41
CA ALA A 102 8.17 11.04 8.05
C ALA A 102 9.38 11.95 8.10
N VAL A 103 10.13 11.98 7.00
CA VAL A 103 11.35 12.79 6.95
C VAL A 103 11.38 13.96 5.98
N ILE A 104 11.91 15.07 6.46
CA ILE A 104 12.10 16.27 5.64
C ILE A 104 13.58 16.16 5.32
N PRO A 105 13.92 15.95 4.02
CA PRO A 105 15.32 15.81 3.59
C PRO A 105 16.27 16.91 4.09
N VAL A 106 15.84 18.19 3.85
CA VAL A 106 16.66 19.29 4.34
C VAL A 106 15.91 19.94 5.52
N GLY A 107 16.13 19.41 6.72
CA GLY A 107 15.45 19.91 7.90
C GLY A 107 16.38 20.69 8.80
N VAL A 108 16.30 20.41 10.09
CA VAL A 108 17.13 21.07 11.09
C VAL A 108 18.59 20.83 10.74
N ASN A 109 19.42 21.85 10.91
CA ASN A 109 20.84 21.76 10.59
C ASN A 109 21.02 21.32 9.14
N ASN A 110 19.97 21.55 8.33
CA ASN A 110 19.96 21.20 6.92
C ASN A 110 20.18 19.73 6.67
N THR A 111 19.86 18.91 7.67
CA THR A 111 20.03 17.46 7.54
C THR A 111 18.67 16.78 7.58
N PRO A 112 18.60 15.52 7.11
CA PRO A 112 17.31 14.81 7.12
C PRO A 112 16.72 14.87 8.53
N THR A 113 15.49 15.38 8.62
CA THR A 113 14.81 15.50 9.89
C THR A 113 13.52 14.71 9.95
N LEU A 114 13.41 13.85 10.95
CA LEU A 114 12.23 13.00 11.16
C LEU A 114 11.21 13.60 12.14
N LEU A 115 9.96 13.68 11.68
CA LEU A 115 8.86 14.18 12.51
C LEU A 115 8.08 12.89 12.78
N TYR A 116 8.00 12.49 14.05
CA TYR A 116 7.35 11.23 14.39
C TYR A 116 6.45 11.30 15.61
N THR A 117 5.61 10.29 15.77
CA THR A 117 4.71 10.23 16.90
C THR A 117 5.41 9.60 18.08
N SER A 118 5.61 10.42 19.11
CA SER A 118 6.25 10.00 20.34
C SER A 118 5.09 9.64 21.26
N VAL A 119 5.12 8.41 21.79
CA VAL A 119 4.06 7.89 22.64
C VAL A 119 4.41 7.87 24.13
N SER A 120 3.46 8.32 24.95
CA SER A 120 3.66 8.36 26.39
C SER A 120 2.67 7.53 27.20
N PHE A 121 1.57 7.10 26.56
CA PHE A 121 0.56 6.29 27.25
C PHE A 121 -0.05 5.25 26.32
N LEU A 122 -0.43 4.12 26.90
CA LEU A 122 -1.09 3.02 26.20
C LEU A 122 -2.17 2.48 27.13
N PRO A 123 -3.22 1.86 26.58
CA PRO A 123 -3.47 1.62 25.16
C PRO A 123 -4.04 2.83 24.45
N ILE A 124 -4.12 2.74 23.12
CA ILE A 124 -4.65 3.81 22.29
C ILE A 124 -5.50 3.15 21.21
N HIS A 125 -6.80 3.41 21.18
CA HIS A 125 -7.64 2.82 20.17
C HIS A 125 -8.89 3.68 20.00
N TRP A 126 -9.41 3.73 18.78
CA TRP A 126 -10.60 4.52 18.51
C TRP A 126 -11.83 4.08 19.30
N SER A 127 -11.86 2.82 19.71
CA SER A 127 -13.03 2.28 20.43
C SER A 127 -13.07 2.52 21.94
N ILE A 128 -12.02 3.12 22.49
CA ILE A 128 -11.97 3.40 23.93
C ILE A 128 -11.55 4.85 24.17
N PRO A 129 -11.75 5.36 25.40
CA PRO A 129 -11.37 6.75 25.69
C PRO A 129 -9.90 7.04 25.40
N TYR A 130 -9.64 8.22 24.86
CA TYR A 130 -8.27 8.63 24.54
C TYR A 130 -7.63 9.32 25.74
N THR A 131 -6.44 8.88 26.13
CA THR A 131 -5.71 9.47 27.25
C THR A 131 -4.97 10.73 26.78
N ARG A 132 -5.31 11.88 27.35
CA ARG A 132 -4.65 13.14 26.98
C ARG A 132 -3.13 12.93 27.02
N GLY A 133 -2.43 13.42 26.00
CA GLY A 133 -0.99 13.30 25.94
C GLY A 133 -0.45 11.98 25.43
N SER A 134 -1.32 11.09 24.99
CA SER A 134 -0.88 9.79 24.49
C SER A 134 0.12 9.87 23.35
N GLU A 135 -0.21 10.69 22.36
CA GLU A 135 0.62 10.84 21.15
C GLU A 135 0.97 12.28 20.84
N THR A 136 2.26 12.59 20.76
CA THR A 136 2.71 13.94 20.43
C THR A 136 3.65 13.79 19.25
N GLN A 137 3.95 14.87 18.54
CA GLN A 137 4.85 14.76 17.40
C GLN A 137 6.19 15.38 17.75
N SER A 138 7.27 14.60 17.62
CA SER A 138 8.62 15.06 17.95
C SER A 138 9.59 15.01 16.78
N LEU A 139 10.72 15.69 16.96
CA LEU A 139 11.75 15.76 15.94
C LEU A 139 13.01 15.01 16.33
N ALA A 140 13.70 14.51 15.32
CA ALA A 140 14.94 13.79 15.51
C ALA A 140 15.72 14.07 14.23
N VAL A 141 17.04 14.10 14.34
CA VAL A 141 17.89 14.40 13.20
C VAL A 141 18.79 13.24 12.84
N ALA A 142 18.98 13.03 11.55
CA ALA A 142 19.81 11.94 11.04
C ALA A 142 21.31 12.16 11.27
N ARG A 143 21.96 11.14 11.82
CA ARG A 143 23.39 11.17 12.09
C ARG A 143 24.04 9.99 11.37
N ASP A 144 25.37 9.99 11.34
CA ASP A 144 26.14 8.89 10.74
C ASP A 144 25.47 8.32 9.51
N GLY A 145 25.23 9.16 8.51
CA GLY A 145 24.66 8.70 7.26
C GLY A 145 23.19 8.28 7.29
N GLY A 146 22.61 8.60 8.33
CA GLY A 146 21.21 8.24 8.49
C GLY A 146 21.05 6.89 9.16
N ARG A 147 22.14 6.31 9.59
CA ARG A 147 22.15 5.01 10.26
C ARG A 147 21.57 5.17 11.66
N ARG A 148 21.19 6.39 11.99
CA ARG A 148 20.60 6.66 13.30
C ARG A 148 19.98 8.05 13.31
N PHE A 149 18.93 8.21 14.11
CA PHE A 149 18.24 9.49 14.25
C PHE A 149 18.30 9.94 15.70
N ASP A 150 18.93 11.08 15.94
CA ASP A 150 19.06 11.61 17.30
C ASP A 150 17.91 12.56 17.59
N LYS A 151 17.15 12.24 18.64
CA LYS A 151 16.01 13.06 19.05
C LYS A 151 16.52 14.44 19.47
N LEU A 152 15.85 15.51 19.05
CA LEU A 152 16.27 16.84 19.48
C LEU A 152 15.98 16.91 20.97
N ASP A 153 16.86 17.58 21.72
CA ASP A 153 16.69 17.68 23.17
C ASP A 153 15.68 18.75 23.61
N GLN A 154 14.41 18.49 23.31
CA GLN A 154 13.32 19.39 23.67
C GLN A 154 12.04 18.58 23.62
N GLY A 155 10.94 19.19 24.04
CA GLY A 155 9.67 18.48 24.00
C GLY A 155 9.16 18.41 22.57
N PRO A 156 7.97 17.83 22.34
CA PRO A 156 7.41 17.74 20.99
C PRO A 156 7.13 19.11 20.35
N VAL A 157 7.22 19.18 19.02
CA VAL A 157 6.95 20.43 18.32
C VAL A 157 5.46 20.59 18.10
N ILE A 158 4.71 19.51 18.30
CA ILE A 158 3.26 19.54 18.22
C ILE A 158 2.93 18.74 19.46
N ALA A 159 2.82 19.44 20.58
CA ALA A 159 2.59 18.81 21.88
C ALA A 159 1.19 18.40 22.29
N ASP A 160 0.19 18.59 21.43
CA ASP A 160 -1.17 18.23 21.80
C ASP A 160 -2.00 18.18 20.53
N HIS A 161 -3.09 17.42 20.58
CA HIS A 161 -3.99 17.34 19.43
C HIS A 161 -4.77 18.64 19.47
N PRO A 162 -5.57 18.92 18.42
CA PRO A 162 -6.38 20.15 18.37
C PRO A 162 -7.13 20.45 19.68
N PHE A 163 -7.14 21.72 20.07
CA PHE A 163 -7.76 22.14 21.32
C PHE A 163 -9.19 21.69 21.57
N ALA A 164 -9.38 20.99 22.69
CA ALA A 164 -10.68 20.51 23.12
C ALA A 164 -11.33 19.54 22.14
N VAL A 165 -10.58 19.05 21.17
CA VAL A 165 -11.13 18.10 20.23
C VAL A 165 -10.93 16.68 20.77
N ASP A 166 -12.02 15.92 20.89
CA ASP A 166 -11.93 14.56 21.39
C ASP A 166 -11.48 13.56 20.31
N VAL A 167 -10.21 13.63 19.93
CA VAL A 167 -9.68 12.73 18.88
C VAL A 167 -9.65 11.26 19.28
N THR A 168 -9.81 10.41 18.28
CA THR A 168 -9.77 8.96 18.49
C THR A 168 -8.30 8.52 18.32
N ALA A 169 -7.52 9.36 17.63
CA ALA A 169 -6.11 9.09 17.36
C ALA A 169 -5.44 10.36 16.83
N PHE A 170 -4.15 10.50 17.10
CA PHE A 170 -3.43 11.68 16.66
C PHE A 170 -2.00 11.32 16.35
N ARG A 171 -1.81 10.54 15.29
CA ARG A 171 -0.48 10.02 14.97
C ARG A 171 -0.14 9.87 13.47
N ALA A 172 1.08 9.33 13.09
CA ALA A 172 1.60 9.10 11.74
C ALA A 172 1.75 10.37 10.90
N PRO A 173 2.50 11.35 11.40
CA PRO A 173 2.65 12.57 10.61
C PRO A 173 3.32 12.29 9.26
N PHE A 174 2.83 12.93 8.20
CA PHE A 174 3.35 12.76 6.85
C PHE A 174 3.58 14.17 6.29
N VAL A 175 4.80 14.44 5.84
CA VAL A 175 5.15 15.75 5.31
C VAL A 175 5.12 15.81 3.79
N PHE A 176 4.72 16.95 3.27
CA PHE A 176 4.65 17.15 1.83
C PHE A 176 4.64 18.63 1.47
N ARG A 177 4.82 18.93 0.19
CA ARG A 177 4.80 20.29 -0.33
C ARG A 177 3.69 20.35 -1.35
N SER A 178 3.11 21.53 -1.53
CA SER A 178 2.00 21.69 -2.47
C SER A 178 1.83 23.10 -3.01
N ALA A 179 1.89 23.24 -4.33
CA ALA A 179 1.73 24.53 -4.96
C ALA A 179 0.31 25.02 -4.66
N ARG A 180 -0.68 24.16 -4.94
CA ARG A 180 -2.06 24.52 -4.72
C ARG A 180 -2.38 24.98 -3.29
N LEU A 181 -1.85 24.27 -2.29
CA LEU A 181 -2.11 24.66 -0.91
C LEU A 181 -1.50 26.02 -0.65
N ASP A 182 -0.27 26.23 -1.09
CA ASP A 182 0.39 27.51 -0.89
C ASP A 182 -0.41 28.64 -1.55
N VAL A 183 -0.94 28.39 -2.75
CA VAL A 183 -1.73 29.40 -3.45
C VAL A 183 -3.06 29.66 -2.76
N LEU A 184 -3.80 28.59 -2.45
CA LEU A 184 -5.07 28.75 -1.79
C LEU A 184 -4.93 29.48 -0.46
N LEU A 185 -3.80 29.30 0.20
CA LEU A 185 -3.55 29.94 1.49
C LEU A 185 -2.93 31.33 1.38
N SER A 186 -2.49 31.70 0.18
CA SER A 186 -1.88 33.00 -0.02
C SER A 186 -2.87 34.01 -0.59
N LEU A 187 -3.75 33.53 -1.48
CA LEU A 187 -4.76 34.38 -2.11
C LEU A 187 -5.86 34.77 -1.15
N ASP A 188 -6.75 35.64 -1.61
CA ASP A 188 -7.88 36.12 -0.79
C ASP A 188 -8.97 35.05 -0.74
N GLU A 189 -9.84 35.15 0.27
CA GLU A 189 -10.93 34.21 0.41
C GLU A 189 -11.84 34.25 -0.83
N GLU A 190 -11.81 35.39 -1.51
CA GLU A 190 -12.61 35.58 -2.72
C GLU A 190 -11.77 35.42 -3.99
N VAL A 191 -10.55 35.94 -3.96
CA VAL A 191 -9.65 35.87 -5.11
C VAL A 191 -9.16 34.44 -5.34
N ALA A 192 -9.33 33.58 -4.33
CA ALA A 192 -8.91 32.18 -4.42
C ALA A 192 -10.09 31.24 -4.66
N ARG A 193 -11.25 31.82 -4.95
CA ARG A 193 -12.45 31.04 -5.20
C ARG A 193 -12.52 30.66 -6.68
N ASN A 194 -11.73 31.34 -7.51
CA ASN A 194 -11.70 31.07 -8.94
C ASN A 194 -10.39 30.41 -9.37
N GLU A 195 -10.52 29.32 -10.12
CA GLU A 195 -9.38 28.56 -10.62
C GLU A 195 -8.48 29.40 -11.51
N THR A 196 -9.07 30.38 -12.17
CA THR A 196 -8.35 31.28 -13.07
C THR A 196 -7.22 32.03 -12.38
N ALA A 197 -7.54 32.70 -11.29
CA ALA A 197 -6.53 33.45 -10.53
C ALA A 197 -5.51 32.50 -9.92
N VAL A 198 -6.00 31.44 -9.30
CA VAL A 198 -5.16 30.44 -8.66
C VAL A 198 -4.13 29.85 -9.62
N GLN A 199 -4.61 29.15 -10.65
CA GLN A 199 -3.74 28.53 -11.64
C GLN A 199 -2.58 29.44 -12.02
N GLN A 200 -2.89 30.71 -12.22
CA GLN A 200 -1.87 31.69 -12.59
C GLN A 200 -0.74 31.78 -11.57
N ALA A 201 -1.10 31.64 -10.28
CA ALA A 201 -0.12 31.70 -9.20
C ALA A 201 0.64 30.38 -9.10
N VAL A 202 -0.08 29.28 -9.28
CA VAL A 202 0.53 27.95 -9.20
C VAL A 202 1.62 27.83 -10.27
N ASP A 203 1.38 28.42 -11.44
CA ASP A 203 2.36 28.35 -12.53
C ASP A 203 3.70 28.95 -12.12
N GLY A 204 3.68 29.87 -11.15
CA GLY A 204 4.91 30.48 -10.70
C GLY A 204 5.49 29.90 -9.43
N TRP A 205 4.74 28.99 -8.81
CA TRP A 205 5.17 28.35 -7.57
C TRP A 205 6.57 27.74 -7.68
N THR A 206 7.39 27.97 -6.66
CA THR A 206 8.75 27.46 -6.64
C THR A 206 8.96 26.52 -5.45
N GLU A 207 8.96 25.22 -5.76
CA GLU A 207 9.11 24.15 -4.79
C GLU A 207 10.26 24.33 -3.79
N LYS A 208 11.46 24.53 -4.29
CA LYS A 208 12.66 24.69 -3.45
C LYS A 208 12.53 25.53 -2.18
N ASN A 209 11.56 26.43 -2.13
CA ASN A 209 11.41 27.28 -0.95
C ASN A 209 10.02 27.29 -0.34
N ALA A 210 9.18 26.35 -0.77
CA ALA A 210 7.82 26.26 -0.24
C ALA A 210 7.86 25.69 1.17
N PRO A 211 6.83 25.98 1.98
CA PRO A 211 6.79 25.46 3.35
C PRO A 211 6.28 24.02 3.35
N TRP A 212 6.58 23.27 4.41
CA TRP A 212 6.12 21.90 4.51
C TRP A 212 4.77 21.79 5.20
N TYR A 213 3.95 20.86 4.70
CA TYR A 213 2.64 20.59 5.29
C TYR A 213 2.75 19.29 6.04
N VAL A 214 1.89 19.11 7.04
CA VAL A 214 1.89 17.89 7.83
C VAL A 214 0.48 17.38 7.98
N ALA A 215 0.25 16.13 7.57
CA ALA A 215 -1.07 15.53 7.72
C ALA A 215 -0.96 14.46 8.82
N VAL A 216 -1.73 14.65 9.89
CA VAL A 216 -1.74 13.74 11.03
C VAL A 216 -3.05 12.96 10.92
N SER A 217 -2.99 11.65 10.98
CA SER A 217 -4.17 10.84 10.68
C SER A 217 -4.97 10.48 11.92
N GLY A 218 -6.30 10.46 11.81
CA GLY A 218 -7.09 10.07 12.95
C GLY A 218 -8.58 10.23 12.68
N GLY A 219 -9.21 10.61 13.85
CA GLY A 219 -10.65 10.85 13.85
C GLY A 219 -11.09 11.55 15.12
N VAL A 220 -12.40 11.77 15.21
CA VAL A 220 -12.96 12.46 16.35
C VAL A 220 -14.09 11.63 16.95
N HIS A 221 -14.00 11.40 18.24
CA HIS A 221 -15.00 10.59 18.95
C HIS A 221 -16.41 11.13 18.72
N GLY A 222 -17.30 10.21 18.34
CA GLY A 222 -18.69 10.56 18.08
C GLY A 222 -18.92 11.37 16.82
N VAL A 223 -17.87 11.49 16.01
CA VAL A 223 -17.93 12.35 14.84
C VAL A 223 -17.51 11.60 13.58
N GLY A 224 -16.22 11.26 13.50
CA GLY A 224 -15.74 10.55 12.33
C GLY A 224 -14.24 10.65 12.13
N PRO A 225 -13.77 9.64 11.22
CA PRO A 225 -12.33 9.64 10.94
C PRO A 225 -11.95 10.97 10.29
N ALA A 226 -10.67 11.34 10.36
CA ALA A 226 -10.24 12.59 9.77
C ALA A 226 -8.71 12.72 9.71
N GLN A 227 -8.27 13.72 8.97
CA GLN A 227 -6.86 14.03 8.86
C GLN A 227 -6.71 15.45 9.37
N PHE A 228 -5.74 15.66 10.24
CA PHE A 228 -5.47 16.97 10.82
C PHE A 228 -4.30 17.56 10.06
N LEU A 229 -4.49 18.74 9.48
CA LEU A 229 -3.48 19.42 8.68
C LEU A 229 -2.75 20.56 9.37
N TYR A 230 -1.43 20.59 9.20
CA TYR A 230 -0.59 21.64 9.77
C TYR A 230 0.42 22.08 8.73
N ARG A 231 1.09 23.19 8.98
CA ARG A 231 2.14 23.63 8.07
C ARG A 231 3.07 24.55 8.84
N GLN A 232 4.32 24.58 8.41
CA GLN A 232 5.30 25.43 9.06
C GLN A 232 4.59 26.75 9.32
N ASN A 233 4.71 27.25 10.54
CA ASN A 233 4.03 28.47 10.94
C ASN A 233 4.28 29.66 10.03
N GLY A 234 3.18 30.28 9.59
CA GLY A 234 3.28 31.45 8.72
C GLY A 234 3.78 31.13 7.33
N GLY A 235 3.89 29.84 7.00
CA GLY A 235 4.37 29.46 5.68
C GLY A 235 5.86 29.69 5.56
N ASN A 236 6.55 29.62 6.70
CA ASN A 236 7.97 29.84 6.75
C ASN A 236 8.73 28.52 6.59
N ALA A 237 9.32 28.32 5.42
CA ALA A 237 10.07 27.10 5.12
C ALA A 237 11.22 26.90 6.11
N SER A 238 11.55 27.96 6.85
CA SER A 238 12.63 27.87 7.83
C SER A 238 12.13 27.65 9.26
N GLU A 239 10.81 27.56 9.42
CA GLU A 239 10.24 27.36 10.75
C GLU A 239 10.00 25.87 11.00
N PHE A 240 10.74 25.28 11.93
CA PHE A 240 10.57 23.87 12.24
C PHE A 240 10.04 23.64 13.66
N GLN A 241 9.99 24.71 14.45
CA GLN A 241 9.52 24.60 15.82
C GLN A 241 8.01 24.69 15.92
N TYR A 242 7.43 25.71 15.29
CA TYR A 242 6.00 25.92 15.35
C TYR A 242 5.24 25.57 14.08
N TRP A 243 4.18 24.79 14.25
CA TRP A 243 3.36 24.35 13.14
C TRP A 243 1.93 24.81 13.31
N GLU A 244 1.46 25.70 12.43
CA GLU A 244 0.10 26.16 12.54
C GLU A 244 -0.94 25.15 12.05
N TYR A 245 -1.96 24.98 12.87
CA TYR A 245 -3.04 24.05 12.60
C TYR A 245 -3.94 24.64 11.52
N LEU A 246 -4.11 23.89 10.43
CA LEU A 246 -4.94 24.37 9.34
C LEU A 246 -6.33 23.78 9.40
N GLY A 247 -6.59 22.95 10.41
CA GLY A 247 -7.91 22.35 10.57
C GLY A 247 -8.02 20.92 10.06
N GLU A 248 -9.22 20.37 10.12
CA GLU A 248 -9.47 19.02 9.65
C GLU A 248 -9.78 19.12 8.15
N TRP A 249 -8.71 19.20 7.35
CA TRP A 249 -8.85 19.34 5.92
C TRP A 249 -9.65 18.22 5.26
N TRP A 250 -9.80 17.09 5.94
CA TRP A 250 -10.59 15.99 5.41
C TRP A 250 -11.20 15.14 6.52
N GLN A 251 -12.52 15.04 6.52
CA GLN A 251 -13.22 14.22 7.50
C GLN A 251 -14.42 13.56 6.84
N GLU A 252 -14.85 12.43 7.39
CA GLU A 252 -16.01 11.70 6.87
C GLU A 252 -16.82 11.25 8.09
N ALA A 253 -18.09 10.95 7.88
CA ALA A 253 -18.95 10.54 8.99
C ALA A 253 -18.58 9.15 9.48
N THR A 254 -18.69 8.95 10.78
CA THR A 254 -18.37 7.68 11.37
C THR A 254 -18.91 6.54 10.52
N ASN A 255 -18.04 5.59 10.20
CA ASN A 255 -18.40 4.41 9.43
C ASN A 255 -19.27 4.68 8.19
N SER A 256 -19.05 5.82 7.54
CA SER A 256 -19.76 6.08 6.28
C SER A 256 -18.85 5.44 5.23
N SER A 257 -19.14 5.67 3.95
CA SER A 257 -18.30 5.08 2.91
C SER A 257 -18.50 5.71 1.55
N TRP A 258 -17.51 5.50 0.67
CA TRP A 258 -17.57 6.02 -0.68
C TRP A 258 -18.67 5.27 -1.41
N GLY A 259 -19.58 6.01 -2.03
CA GLY A 259 -20.67 5.36 -2.75
C GLY A 259 -21.77 4.95 -1.78
N ASP A 260 -22.94 4.64 -2.32
CA ASP A 260 -24.09 4.26 -1.49
C ASP A 260 -24.07 2.77 -1.16
N GLU A 261 -23.09 2.05 -1.70
CA GLU A 261 -23.00 0.62 -1.47
C GLU A 261 -21.72 0.19 -0.74
N GLY A 262 -20.72 1.07 -0.73
CA GLY A 262 -19.46 0.74 -0.10
C GLY A 262 -18.88 -0.42 -0.92
N THR A 263 -19.01 -0.29 -2.23
CA THR A 263 -18.58 -1.29 -3.17
C THR A 263 -17.16 -1.21 -3.72
N TRP A 264 -16.69 -0.01 -4.04
CA TRP A 264 -15.37 0.14 -4.63
C TRP A 264 -14.23 0.65 -3.75
N ALA A 265 -14.58 1.28 -2.63
CA ALA A 265 -13.59 1.95 -1.76
C ALA A 265 -13.85 1.68 -0.27
N GLY A 266 -14.29 0.47 0.00
CA GLY A 266 -14.59 -0.05 1.32
C GLY A 266 -15.39 0.94 2.16
N ARG A 267 -15.02 1.13 3.43
CA ARG A 267 -15.67 2.14 4.26
C ARG A 267 -14.62 3.05 4.91
N TRP A 268 -15.03 4.29 5.19
CA TRP A 268 -14.14 5.25 5.84
C TRP A 268 -13.91 4.82 7.30
N GLY A 269 -14.72 3.87 7.76
CA GLY A 269 -14.58 3.35 9.10
C GLY A 269 -14.67 4.30 10.27
N PHE A 270 -14.03 3.91 11.37
CA PHE A 270 -14.02 4.68 12.61
C PHE A 270 -12.76 5.51 12.87
N ASN A 271 -11.71 5.29 12.08
CA ASN A 271 -10.45 6.01 12.31
C ASN A 271 -9.54 5.92 11.09
N PHE A 272 -8.93 7.05 10.72
CA PHE A 272 -8.00 7.10 9.59
C PHE A 272 -6.59 6.83 10.12
N GLU A 273 -5.81 6.08 9.37
CA GLU A 273 -4.45 5.78 9.78
C GLU A 273 -3.48 5.99 8.62
N THR A 274 -2.26 6.20 8.94
CA THR A 274 -1.09 6.47 8.11
C THR A 274 -1.34 7.23 6.81
N GLY A 275 -1.89 8.44 6.79
CA GLY A 275 -2.03 9.21 5.55
C GLY A 275 -0.78 9.55 4.74
N ASN A 276 -0.98 9.74 3.44
CA ASN A 276 0.07 10.17 2.49
C ASN A 276 -0.60 11.17 1.53
N VAL A 277 0.01 12.34 1.36
CA VAL A 277 -0.52 13.34 0.47
C VAL A 277 0.26 13.37 -0.84
N LEU A 278 -0.27 12.72 -1.87
CA LEU A 278 0.47 12.65 -3.14
C LEU A 278 -0.02 13.67 -4.15
N PHE A 279 0.79 13.92 -5.17
CA PHE A 279 0.46 14.84 -6.25
C PHE A 279 0.92 14.16 -7.53
N LEU A 280 -0.02 13.45 -8.14
CA LEU A 280 0.24 12.65 -9.34
C LEU A 280 -0.10 13.23 -10.71
N THR A 281 0.73 12.86 -11.67
CA THR A 281 0.57 13.25 -13.07
C THR A 281 0.47 11.91 -13.79
N GLU A 282 0.39 11.94 -15.12
CA GLU A 282 0.29 10.71 -15.88
C GLU A 282 1.65 10.06 -16.06
N GLU A 283 2.67 10.75 -15.59
CA GLU A 283 4.05 10.33 -15.75
C GLU A 283 4.67 10.19 -14.38
N GLY A 284 4.07 10.83 -13.37
CA GLY A 284 4.64 10.65 -12.05
C GLY A 284 4.15 11.62 -10.98
N HIS A 285 4.99 12.19 -10.32
CA HIS A 285 4.74 12.94 -9.11
C HIS A 285 5.28 14.35 -9.26
N ASP A 286 4.36 15.30 -9.15
CA ASP A 286 4.66 16.72 -9.32
C ASP A 286 3.78 17.55 -8.36
N PRO A 287 4.39 18.16 -7.33
CA PRO A 287 3.60 18.96 -6.36
C PRO A 287 3.07 20.27 -6.92
N GLN A 288 3.41 20.56 -8.18
CA GLN A 288 2.95 21.78 -8.80
C GLN A 288 1.84 21.47 -9.80
N THR A 289 2.01 20.41 -10.58
CA THR A 289 1.01 20.02 -11.57
C THR A 289 0.20 18.77 -11.23
N GLY A 290 0.73 17.91 -10.37
CA GLY A 290 0.03 16.68 -10.03
C GLY A 290 -1.33 16.85 -9.38
N GLU A 291 -2.22 15.87 -9.58
CA GLU A 291 -3.53 15.92 -8.97
C GLU A 291 -3.39 15.40 -7.54
N VAL A 292 -4.21 15.93 -6.64
CA VAL A 292 -4.14 15.51 -5.24
C VAL A 292 -4.73 14.12 -5.02
N PHE A 293 -3.89 13.23 -4.50
CA PHE A 293 -4.27 11.86 -4.19
C PHE A 293 -3.91 11.66 -2.72
N VAL A 294 -4.65 10.79 -2.05
CA VAL A 294 -4.40 10.46 -0.65
C VAL A 294 -4.56 8.97 -0.48
N THR A 295 -3.60 8.33 0.18
CA THR A 295 -3.71 6.91 0.46
C THR A 295 -3.81 6.85 1.97
N LEU A 296 -4.56 5.89 2.49
CA LEU A 296 -4.75 5.79 3.93
C LEU A 296 -5.36 4.46 4.29
N GLY A 297 -5.18 4.09 5.55
CA GLY A 297 -5.80 2.88 6.03
C GLY A 297 -6.99 3.35 6.86
N THR A 298 -8.07 2.57 6.89
CA THR A 298 -9.22 2.94 7.70
C THR A 298 -9.50 1.72 8.56
N GLU A 299 -9.79 1.95 9.84
CA GLU A 299 -10.08 0.88 10.78
C GLU A 299 -11.59 0.74 10.90
N GLY A 300 -12.10 -0.43 10.56
CA GLY A 300 -13.53 -0.67 10.64
C GLY A 300 -13.89 -1.76 11.62
N SER A 301 -15.19 -2.05 11.71
CA SER A 301 -15.69 -3.07 12.62
C SER A 301 -17.15 -3.40 12.35
N GLY A 302 -17.52 -4.64 12.66
CA GLY A 302 -18.90 -5.04 12.51
C GLY A 302 -19.56 -4.65 13.81
N LEU A 303 -20.82 -5.03 14.00
CA LEU A 303 -21.52 -4.73 15.24
C LEU A 303 -22.10 -6.01 15.82
N PRO A 304 -22.05 -6.17 17.15
CA PRO A 304 -21.49 -5.21 18.10
C PRO A 304 -19.97 -5.07 18.00
N ILE A 305 -19.49 -3.91 18.43
CA ILE A 305 -18.07 -3.61 18.40
C ILE A 305 -17.35 -4.30 19.56
N VAL A 306 -16.17 -4.83 19.26
CA VAL A 306 -15.35 -5.48 20.26
C VAL A 306 -14.25 -4.50 20.65
N PRO A 307 -14.41 -3.86 21.83
CA PRO A 307 -13.44 -2.89 22.33
C PRO A 307 -11.98 -3.28 22.11
N GLN A 308 -11.23 -2.35 21.53
CA GLN A 308 -9.82 -2.51 21.24
C GLN A 308 -9.48 -3.44 20.08
N VAL A 309 -10.49 -3.81 19.32
CA VAL A 309 -10.27 -4.65 18.15
C VAL A 309 -10.82 -3.96 16.90
N SER A 310 -9.98 -3.91 15.86
CA SER A 310 -10.38 -3.33 14.58
C SER A 310 -10.50 -4.56 13.70
N SER A 311 -11.73 -4.98 13.40
CA SER A 311 -11.93 -6.17 12.61
C SER A 311 -11.60 -6.01 11.13
N ILE A 312 -11.68 -4.78 10.63
CA ILE A 312 -11.40 -4.49 9.22
C ILE A 312 -10.31 -3.45 9.02
N HIS A 313 -9.28 -3.80 8.24
CA HIS A 313 -8.19 -2.87 7.94
C HIS A 313 -8.14 -2.64 6.43
N ASP A 314 -8.79 -1.57 5.96
CA ASP A 314 -8.82 -1.25 4.53
C ASP A 314 -7.68 -0.34 4.07
N MET A 315 -6.95 -0.78 3.05
CA MET A 315 -5.84 0.00 2.49
C MET A 315 -6.41 0.73 1.28
N LEU A 316 -6.96 1.92 1.53
CA LEU A 316 -7.59 2.74 0.50
C LEU A 316 -6.76 3.86 -0.09
N TRP A 317 -7.34 4.48 -1.11
CA TRP A 317 -6.78 5.63 -1.79
C TRP A 317 -7.94 6.45 -2.30
N ALA A 318 -7.73 7.75 -2.43
CA ALA A 318 -8.75 8.66 -2.92
C ALA A 318 -8.06 9.76 -3.70
N ALA A 319 -8.79 10.36 -4.63
CA ALA A 319 -8.27 11.47 -5.43
C ALA A 319 -9.38 12.50 -5.46
N GLY A 320 -9.05 13.77 -5.59
CA GLY A 320 -10.08 14.79 -5.63
C GLY A 320 -9.49 16.16 -5.82
N GLU A 321 -10.13 17.19 -5.27
CA GLU A 321 -9.63 18.54 -5.40
C GLU A 321 -9.55 19.23 -4.04
N VAL A 322 -8.76 20.29 -3.99
CA VAL A 322 -8.58 21.06 -2.76
C VAL A 322 -8.97 22.51 -3.01
N GLY A 323 -9.87 23.03 -2.18
CA GLY A 323 -10.30 24.41 -2.29
C GLY A 323 -10.19 25.09 -0.94
N VAL A 324 -10.56 26.44 -0.94
CA VAL A 324 -10.54 27.35 0.17
C VAL A 324 -11.62 26.89 1.11
N GLY A 325 -11.48 27.27 2.39
CA GLY A 325 -12.18 26.71 3.53
C GLY A 325 -13.59 27.20 3.63
N SER A 326 -14.34 26.73 2.63
CA SER A 326 -15.77 26.95 2.48
C SER A 326 -16.09 28.36 2.90
N GLU A 327 -16.98 28.46 3.87
CA GLU A 327 -17.28 29.77 4.44
C GLU A 327 -17.46 29.61 5.95
N GLN A 328 -17.56 28.36 6.38
CA GLN A 328 -17.72 28.03 7.79
C GLN A 328 -16.39 28.09 8.53
N GLU A 329 -16.46 28.01 9.84
CA GLU A 329 -15.24 28.03 10.60
C GLU A 329 -14.47 26.74 10.44
N GLY A 330 -14.74 25.98 9.38
CA GLY A 330 -14.03 24.74 9.13
C GLY A 330 -12.62 25.00 8.62
N ALA A 331 -11.93 23.86 8.16
CA ALA A 331 -10.54 23.92 7.72
C ALA A 331 -10.29 25.08 6.78
N LYS A 332 -9.09 25.54 6.84
CA LYS A 332 -8.74 26.64 5.94
C LYS A 332 -8.77 26.12 4.52
N VAL A 333 -8.50 24.83 4.36
CA VAL A 333 -8.53 24.19 3.06
C VAL A 333 -9.29 22.89 3.24
N GLU A 334 -9.80 22.34 2.14
CA GLU A 334 -10.58 21.12 2.21
C GLU A 334 -10.36 20.20 1.03
N PHE A 335 -10.13 18.92 1.32
CA PHE A 335 -9.92 17.92 0.29
C PHE A 335 -11.27 17.29 0.00
N SER A 336 -11.70 17.31 -1.26
CA SER A 336 -12.97 16.73 -1.63
C SER A 336 -12.74 15.60 -2.61
N PRO A 337 -13.06 14.36 -2.22
CA PRO A 337 -12.87 13.19 -3.08
C PRO A 337 -13.76 13.23 -4.31
N SER A 338 -13.25 12.72 -5.42
CA SER A 338 -14.01 12.65 -6.66
C SER A 338 -14.11 11.15 -6.98
N MET A 339 -13.11 10.41 -6.54
CA MET A 339 -13.07 8.97 -6.75
C MET A 339 -12.20 8.34 -5.67
N ALA A 340 -12.41 7.04 -5.43
CA ALA A 340 -11.66 6.31 -4.41
C ALA A 340 -11.65 4.82 -4.71
N GLY A 341 -10.68 4.12 -4.13
CA GLY A 341 -10.54 2.69 -4.33
C GLY A 341 -9.60 2.07 -3.31
N PHE A 342 -9.04 0.92 -3.65
CA PHE A 342 -8.11 0.21 -2.79
C PHE A 342 -6.71 0.23 -3.40
N LEU A 343 -5.69 0.48 -2.58
CA LEU A 343 -4.30 0.46 -3.04
C LEU A 343 -3.93 -1.03 -3.10
N ASP A 344 -4.56 -1.80 -2.22
CA ASP A 344 -4.37 -3.25 -2.19
C ASP A 344 -5.60 -3.85 -1.51
N TRP A 345 -6.23 -4.80 -2.19
CA TRP A 345 -7.43 -5.44 -1.67
C TRP A 345 -7.16 -6.55 -0.66
N GLY A 346 -5.90 -6.81 -0.36
CA GLY A 346 -5.58 -7.86 0.59
C GLY A 346 -6.06 -7.56 2.00
N PHE A 347 -6.58 -8.60 2.66
CA PHE A 347 -7.05 -8.48 4.02
C PHE A 347 -5.92 -7.99 4.91
N SER A 348 -4.75 -8.60 4.73
CA SER A 348 -3.58 -8.29 5.52
C SER A 348 -2.72 -7.15 5.01
N ALA A 349 -3.10 -6.54 3.90
CA ALA A 349 -2.30 -5.45 3.33
C ALA A 349 -2.77 -4.15 3.97
N TYR A 350 -1.88 -3.28 4.24
CA TYR A 350 -2.31 -2.16 5.06
C TYR A 350 -1.19 -1.16 5.37
N ALA A 351 -1.39 0.00 6.09
CA ALA A 351 -0.40 0.99 6.46
C ALA A 351 0.66 1.38 5.42
N ALA A 352 0.21 1.68 4.20
CA ALA A 352 1.13 2.09 3.15
C ALA A 352 1.89 3.38 3.50
N ALA A 353 3.19 3.35 3.27
CA ALA A 353 4.03 4.52 3.52
C ALA A 353 4.88 4.68 2.28
N GLY A 354 4.70 5.80 1.60
CA GLY A 354 5.45 6.08 0.39
C GLY A 354 6.27 7.35 0.50
N LYS A 355 6.90 7.73 -0.61
CA LYS A 355 7.73 8.92 -0.63
C LYS A 355 8.04 9.33 -2.06
N VAL A 356 8.40 10.59 -2.24
CA VAL A 356 8.76 11.07 -3.57
C VAL A 356 10.16 10.53 -3.85
N LEU A 357 10.36 10.01 -5.07
CA LEU A 357 11.68 9.53 -5.46
C LEU A 357 12.06 10.40 -6.65
N PRO A 358 12.91 11.42 -6.40
CA PRO A 358 13.40 12.39 -7.39
C PRO A 358 14.22 11.76 -8.52
N ALA A 359 14.14 12.38 -9.69
CA ALA A 359 14.91 11.90 -10.84
C ALA A 359 16.39 12.16 -10.52
N SER A 360 16.62 13.00 -9.52
CA SER A 360 17.98 13.35 -9.12
C SER A 360 18.55 12.28 -8.18
N SER A 361 17.74 11.30 -7.82
CA SER A 361 18.20 10.24 -6.92
C SER A 361 19.18 9.32 -7.63
N ALA A 362 20.04 8.68 -6.85
CA ALA A 362 21.03 7.76 -7.40
C ALA A 362 20.29 6.61 -8.07
N VAL A 363 19.15 6.23 -7.49
CA VAL A 363 18.35 5.14 -8.03
C VAL A 363 17.89 5.46 -9.46
N SER A 364 17.30 6.64 -9.64
CA SER A 364 16.80 7.05 -10.94
C SER A 364 17.89 7.37 -11.96
N LYS A 365 19.00 7.96 -11.50
CA LYS A 365 20.10 8.28 -12.42
C LYS A 365 20.61 6.97 -13.02
N THR A 366 20.87 6.01 -12.16
CA THR A 366 21.37 4.71 -12.59
C THR A 366 20.43 4.01 -13.55
N SER A 367 19.13 4.05 -13.27
CA SER A 367 18.16 3.40 -14.14
C SER A 367 17.70 4.31 -15.27
N GLY A 368 18.18 5.55 -15.27
CA GLY A 368 17.81 6.49 -16.32
C GLY A 368 16.42 7.11 -16.28
N VAL A 369 15.76 7.13 -15.14
CA VAL A 369 14.43 7.73 -15.04
C VAL A 369 14.63 9.25 -14.95
N GLU A 370 13.89 10.00 -15.77
CA GLU A 370 14.05 11.45 -15.78
C GLU A 370 12.89 12.25 -15.18
N VAL A 371 11.96 11.56 -14.53
CA VAL A 371 10.82 12.24 -13.92
C VAL A 371 10.80 11.89 -12.45
N ASP A 372 10.02 12.64 -11.68
CA ASP A 372 9.89 12.35 -10.26
C ASP A 372 8.81 11.29 -10.12
N ARG A 373 9.08 10.30 -9.27
CA ARG A 373 8.14 9.23 -9.02
C ARG A 373 7.69 9.27 -7.57
N TYR A 374 6.61 8.54 -7.27
CA TYR A 374 6.14 8.43 -5.90
C TYR A 374 6.13 6.93 -5.67
N VAL A 375 7.00 6.47 -4.78
CA VAL A 375 7.11 5.05 -4.48
C VAL A 375 6.41 4.73 -3.17
N SER A 376 5.53 3.74 -3.21
CA SER A 376 4.76 3.33 -2.05
C SER A 376 5.05 1.89 -1.61
N PHE A 377 5.25 1.71 -0.30
CA PHE A 377 5.53 0.41 0.31
C PHE A 377 4.34 -0.01 1.18
N VAL A 378 3.67 -1.09 0.79
CA VAL A 378 2.53 -1.57 1.55
C VAL A 378 2.96 -2.64 2.55
N TRP A 379 2.36 -2.59 3.74
CA TRP A 379 2.66 -3.54 4.80
C TRP A 379 1.80 -4.78 4.67
N LEU A 380 2.38 -5.95 4.88
CA LEU A 380 1.62 -7.18 4.84
C LEU A 380 1.78 -7.81 6.22
N THR A 381 0.86 -7.52 7.15
CA THR A 381 0.94 -8.07 8.50
C THR A 381 1.07 -9.58 8.42
N GLY A 382 1.89 -10.15 9.31
CA GLY A 382 2.11 -11.59 9.27
C GLY A 382 1.15 -12.41 10.11
N ASP A 383 0.45 -11.76 11.04
CA ASP A 383 -0.47 -12.46 11.93
C ASP A 383 -1.82 -11.75 12.04
N GLN A 384 -2.39 -11.40 10.88
CA GLN A 384 -3.69 -10.77 10.84
C GLN A 384 -3.82 -9.69 11.91
N TYR A 385 -2.88 -8.76 11.92
CA TYR A 385 -2.89 -7.67 12.88
C TYR A 385 -2.98 -8.18 14.33
N GLU A 386 -2.19 -9.20 14.62
CA GLU A 386 -2.12 -9.80 15.95
C GLU A 386 -3.44 -10.41 16.45
N GLN A 387 -4.28 -10.86 15.53
CA GLN A 387 -5.53 -11.52 15.92
C GLN A 387 -5.50 -12.96 15.45
N ALA A 388 -4.36 -13.40 14.91
CA ALA A 388 -4.23 -14.76 14.42
C ALA A 388 -4.52 -15.76 15.54
N ASP A 389 -5.13 -16.89 15.19
CA ASP A 389 -5.46 -17.90 16.18
C ASP A 389 -4.25 -18.79 16.47
N GLY A 390 -3.30 -18.24 17.23
CA GLY A 390 -2.11 -18.99 17.59
C GLY A 390 -1.16 -19.37 16.47
N PHE A 391 -0.75 -18.40 15.65
CA PHE A 391 0.20 -18.68 14.60
C PHE A 391 1.52 -19.15 15.25
N PRO A 392 2.21 -20.07 14.58
CA PRO A 392 3.50 -20.59 15.05
C PRO A 392 4.59 -19.53 14.90
N THR A 393 4.49 -18.46 15.67
CA THR A 393 5.44 -17.35 15.62
C THR A 393 6.85 -17.66 16.11
N ALA A 394 6.95 -18.28 17.28
CA ALA A 394 8.25 -18.61 17.84
C ALA A 394 8.95 -19.60 16.90
N GLN A 395 8.16 -20.46 16.26
CA GLN A 395 8.71 -21.45 15.32
C GLN A 395 9.25 -20.78 14.05
N GLN A 396 8.58 -19.74 13.59
CA GLN A 396 9.00 -19.06 12.37
C GLN A 396 10.19 -18.13 12.62
N GLY A 397 10.23 -17.48 13.78
CA GLY A 397 11.33 -16.59 14.09
C GLY A 397 11.21 -15.19 13.48
N TRP A 398 10.11 -14.92 12.80
CA TRP A 398 9.88 -13.62 12.18
C TRP A 398 8.40 -13.47 11.88
N THR A 399 7.97 -12.23 11.65
CA THR A 399 6.57 -11.94 11.41
C THR A 399 6.39 -10.76 10.46
N GLY A 400 5.64 -10.96 9.39
CA GLY A 400 5.37 -9.89 8.45
C GLY A 400 6.43 -9.60 7.40
N SER A 401 6.05 -8.76 6.45
CA SER A 401 6.92 -8.33 5.38
C SER A 401 6.29 -7.14 4.72
N LEU A 402 7.06 -6.40 3.94
CA LEU A 402 6.50 -5.29 3.19
C LEU A 402 6.26 -5.90 1.81
N LEU A 403 5.38 -5.30 1.02
CA LEU A 403 5.12 -5.79 -0.32
C LEU A 403 6.13 -5.09 -1.25
N LEU A 404 6.15 -5.46 -2.53
CA LEU A 404 7.10 -4.86 -3.48
C LEU A 404 6.84 -3.36 -3.63
N PRO A 405 7.90 -2.56 -3.73
CA PRO A 405 7.73 -1.11 -3.89
C PRO A 405 6.86 -0.88 -5.13
N ARG A 406 5.90 0.05 -5.04
CA ARG A 406 5.05 0.31 -6.19
C ARG A 406 5.07 1.76 -6.61
N GLU A 407 5.00 1.98 -7.92
CA GLU A 407 4.97 3.33 -8.48
C GLU A 407 3.50 3.71 -8.59
N LEU A 408 3.18 4.91 -8.11
CA LEU A 408 1.81 5.41 -8.16
C LEU A 408 1.77 6.62 -9.10
N LYS A 409 0.74 6.66 -10.09
CA LYS A 409 0.59 7.76 -11.03
C LYS A 409 -0.83 7.79 -11.52
N VAL A 410 -1.13 8.75 -12.25
CA VAL A 410 -2.46 8.83 -12.82
C VAL A 410 -2.45 7.88 -14.01
N GLN A 411 -3.34 6.91 -14.00
CA GLN A 411 -3.43 5.96 -15.09
C GLN A 411 -4.66 6.31 -15.91
N THR A 412 -4.54 6.19 -17.23
CA THR A 412 -5.67 6.48 -18.11
C THR A 412 -6.08 5.21 -18.83
N VAL A 413 -7.38 5.10 -19.08
CA VAL A 413 -7.93 3.95 -19.79
C VAL A 413 -8.60 4.57 -21.01
N GLU A 414 -7.96 4.42 -22.17
CA GLU A 414 -8.46 4.98 -23.42
C GLU A 414 -9.43 4.11 -24.18
N ASN A 415 -10.08 4.72 -25.17
CA ASN A 415 -11.03 4.05 -26.05
C ASN A 415 -12.09 3.25 -25.31
N VAL A 416 -12.53 3.75 -24.17
CA VAL A 416 -13.54 3.08 -23.37
C VAL A 416 -14.95 3.44 -23.82
N VAL A 417 -15.76 2.43 -24.08
CA VAL A 417 -17.13 2.66 -24.50
C VAL A 417 -17.86 3.37 -23.37
N ASP A 418 -18.20 4.64 -23.54
CA ASP A 418 -18.98 5.33 -22.52
C ASP A 418 -20.37 4.71 -22.31
N ASN A 419 -20.52 3.85 -21.30
CA ASN A 419 -21.81 3.25 -20.96
C ASN A 419 -21.97 2.99 -19.47
N GLU A 420 -23.12 2.40 -19.21
CA GLU A 420 -23.38 2.11 -17.80
C GLU A 420 -22.15 1.69 -17.00
N LEU A 421 -21.25 0.89 -17.57
CA LEU A 421 -20.11 0.38 -16.83
C LEU A 421 -19.22 1.52 -16.38
N VAL A 422 -19.27 2.62 -17.11
CA VAL A 422 -18.47 3.80 -16.82
C VAL A 422 -19.16 4.85 -15.97
N ARG A 423 -20.47 5.00 -16.14
CA ARG A 423 -21.20 6.03 -15.41
C ARG A 423 -21.75 5.65 -14.05
N GLU A 424 -21.44 4.45 -13.57
CA GLU A 424 -21.91 4.02 -12.26
C GLU A 424 -21.46 5.03 -11.20
N GLU A 425 -22.19 5.07 -10.08
CA GLU A 425 -21.88 6.00 -9.00
C GLU A 425 -20.91 5.46 -7.96
N GLY A 426 -20.14 6.36 -7.35
CA GLY A 426 -19.18 5.98 -6.33
C GLY A 426 -18.19 4.93 -6.77
N VAL A 427 -17.38 5.09 -7.79
CA VAL A 427 -16.38 4.18 -8.34
C VAL A 427 -14.96 4.71 -8.19
N SER A 428 -14.09 3.97 -8.67
CA SER A 428 -12.67 4.26 -8.53
C SER A 428 -12.07 4.89 -9.79
N TRP A 429 -12.86 5.67 -10.50
CA TRP A 429 -12.37 6.32 -11.71
C TRP A 429 -13.28 7.46 -12.13
N VAL A 430 -12.75 8.37 -12.93
CA VAL A 430 -13.52 9.49 -13.44
C VAL A 430 -13.30 9.56 -14.95
N VAL A 431 -14.30 10.07 -15.66
CA VAL A 431 -14.19 10.20 -17.10
C VAL A 431 -13.37 11.46 -17.40
N GLY A 432 -12.22 11.28 -18.02
CA GLY A 432 -11.37 12.41 -18.33
C GLY A 432 -11.79 13.16 -19.58
N GLU A 433 -12.63 12.52 -20.40
CA GLU A 433 -13.13 13.09 -21.64
C GLU A 433 -14.08 12.11 -22.30
N SER A 434 -14.89 12.59 -23.24
CA SER A 434 -15.85 11.71 -23.92
C SER A 434 -16.61 12.45 -25.03
N ASP A 435 -17.24 11.75 -26.03
CA ASP A 435 -18.07 12.29 -27.10
C ASP A 435 -19.36 11.48 -27.03
N ASN A 436 -19.54 10.97 -25.96
CA ASN A 436 -20.80 10.23 -25.74
C ASN A 436 -20.78 8.87 -26.43
N GLN A 437 -19.79 8.58 -27.28
CA GLN A 437 -19.53 7.34 -28.01
C GLN A 437 -18.39 6.57 -27.36
N THR A 438 -17.19 7.12 -26.87
CA THR A 438 -16.04 6.52 -26.20
C THR A 438 -15.45 7.58 -25.29
N ALA A 439 -14.71 7.15 -24.28
CA ALA A 439 -14.12 8.10 -23.35
C ALA A 439 -12.80 7.63 -22.76
N THR A 440 -12.04 8.57 -22.22
CA THR A 440 -10.78 8.25 -21.58
C THR A 440 -11.05 8.33 -20.08
N LEU A 441 -10.72 7.27 -19.36
CA LEU A 441 -10.92 7.24 -17.91
C LEU A 441 -9.61 7.57 -17.22
N ARG A 442 -9.73 8.14 -16.02
CA ARG A 442 -8.56 8.50 -15.23
C ARG A 442 -8.70 7.85 -13.86
N THR A 443 -7.69 7.09 -13.46
CA THR A 443 -7.70 6.41 -12.18
C THR A 443 -6.28 6.31 -11.62
N LEU A 444 -6.14 5.68 -10.46
CA LEU A 444 -4.82 5.53 -9.86
C LEU A 444 -4.07 4.38 -10.49
N GLY A 445 -2.89 4.67 -11.05
CA GLY A 445 -2.07 3.65 -11.65
C GLY A 445 -1.20 2.97 -10.59
N ILE A 446 -1.22 1.64 -10.56
CA ILE A 446 -0.43 0.88 -9.59
C ILE A 446 0.48 -0.13 -10.30
N THR A 447 1.78 0.12 -10.30
CA THR A 447 2.73 -0.79 -10.93
C THR A 447 3.91 -1.08 -10.01
N ILE A 448 4.58 -2.20 -10.25
CA ILE A 448 5.75 -2.57 -9.46
C ILE A 448 6.86 -1.59 -9.86
N ALA A 449 7.58 -1.04 -8.88
CA ALA A 449 8.68 -0.13 -9.16
C ALA A 449 9.45 -0.80 -10.31
N ARG A 450 9.70 -0.04 -11.38
CA ARG A 450 10.36 -0.60 -12.56
C ARG A 450 11.71 -1.30 -12.31
N GLU A 451 12.55 -0.75 -11.44
CA GLU A 451 13.83 -1.41 -11.20
C GLU A 451 13.61 -2.72 -10.44
N THR A 452 12.56 -2.76 -9.63
CA THR A 452 12.28 -3.98 -8.90
C THR A 452 11.74 -5.04 -9.85
N LYS A 453 10.86 -4.61 -10.75
CA LYS A 453 10.29 -5.56 -11.70
C LYS A 453 11.41 -6.13 -12.58
N ALA A 454 12.32 -5.27 -13.02
CA ALA A 454 13.43 -5.73 -13.88
C ALA A 454 14.28 -6.72 -13.09
N ALA A 455 14.59 -6.37 -11.84
CA ALA A 455 15.39 -7.25 -11.00
C ALA A 455 14.72 -8.60 -10.82
N LEU A 456 13.40 -8.61 -10.72
CA LEU A 456 12.67 -9.86 -10.56
C LEU A 456 12.82 -10.75 -11.79
N LEU A 457 12.90 -10.15 -12.97
CA LEU A 457 13.03 -10.89 -14.23
C LEU A 457 14.47 -10.96 -14.75
N ALA A 458 15.43 -10.37 -13.83
CA ALA A 458 16.83 -10.33 -14.26
C ALA A 458 17.47 -11.67 -14.61
N ASN A 459 17.63 -12.53 -13.62
CA ASN A 459 18.15 -13.85 -13.89
C ASN A 459 17.08 -14.93 -13.79
N GLY A 460 15.92 -14.72 -14.40
CA GLY A 460 14.90 -15.76 -14.31
C GLY A 460 14.78 -16.64 -15.53
N SER A 461 14.52 -17.92 -15.29
CA SER A 461 14.34 -18.89 -16.36
C SER A 461 12.94 -18.64 -16.91
N VAL A 462 12.83 -18.55 -18.24
CA VAL A 462 11.53 -18.28 -18.86
C VAL A 462 10.90 -19.48 -19.57
N THR A 463 9.68 -19.81 -19.17
CA THR A 463 8.93 -20.92 -19.79
C THR A 463 7.56 -20.44 -20.23
N ALA A 464 7.32 -20.44 -21.54
CA ALA A 464 6.05 -20.00 -22.09
C ALA A 464 5.05 -21.13 -22.27
N GLU A 465 3.78 -20.78 -22.36
CA GLU A 465 2.70 -21.74 -22.57
C GLU A 465 1.94 -21.30 -23.82
N GLU A 466 1.53 -22.25 -24.66
CA GLU A 466 0.79 -21.93 -25.89
C GLU A 466 -0.57 -21.30 -25.62
N ASP A 467 -0.93 -20.31 -26.43
CA ASP A 467 -2.24 -19.66 -26.27
C ASP A 467 -3.26 -20.78 -26.19
N ARG A 468 -4.27 -20.60 -25.36
CA ARG A 468 -5.28 -21.63 -25.16
C ARG A 468 -6.66 -21.04 -24.94
N THR A 469 -7.69 -21.83 -25.22
CA THR A 469 -9.07 -21.43 -25.05
C THR A 469 -9.77 -22.57 -24.31
N LEU A 470 -10.60 -22.23 -23.34
CA LEU A 470 -11.33 -23.24 -22.59
C LEU A 470 -12.80 -22.85 -22.58
N GLN A 471 -13.66 -23.84 -22.79
CA GLN A 471 -15.10 -23.59 -22.82
C GLN A 471 -15.79 -24.46 -21.77
N THR A 472 -15.44 -25.74 -21.75
CA THR A 472 -15.98 -26.66 -20.76
C THR A 472 -15.08 -26.63 -19.52
N ALA A 473 -15.66 -26.88 -18.35
CA ALA A 473 -14.89 -26.89 -17.11
C ALA A 473 -13.62 -27.71 -17.31
N ALA A 474 -12.49 -27.19 -16.81
CA ALA A 474 -11.24 -27.91 -16.97
C ALA A 474 -10.12 -27.34 -16.11
N VAL A 475 -9.18 -28.21 -15.75
CA VAL A 475 -8.02 -27.83 -14.97
C VAL A 475 -6.88 -28.46 -15.76
N VAL A 476 -6.18 -27.63 -16.53
CA VAL A 476 -5.09 -28.12 -17.34
C VAL A 476 -3.73 -27.68 -16.82
N PRO A 477 -2.92 -28.65 -16.37
CA PRO A 477 -1.59 -28.33 -15.84
C PRO A 477 -0.71 -27.76 -16.96
N PHE A 478 0.19 -26.86 -16.61
CA PHE A 478 1.07 -26.26 -17.60
C PHE A 478 1.91 -27.37 -18.23
N ALA A 479 2.49 -27.10 -19.40
CA ALA A 479 3.32 -28.08 -20.08
C ALA A 479 4.57 -28.29 -19.23
N GLN A 480 4.92 -27.29 -18.44
CA GLN A 480 6.10 -27.35 -17.58
C GLN A 480 5.93 -26.34 -16.46
N SER A 481 5.88 -26.81 -15.22
CA SER A 481 5.74 -25.91 -14.07
C SER A 481 7.10 -25.67 -13.43
N PRO A 482 7.24 -24.57 -12.67
CA PRO A 482 8.52 -24.28 -12.01
C PRO A 482 8.76 -25.35 -10.94
N SER A 483 10.00 -25.49 -10.50
CA SER A 483 10.30 -26.48 -9.47
C SER A 483 10.59 -25.82 -8.13
N SER A 484 10.24 -24.54 -8.00
CA SER A 484 10.44 -23.80 -6.75
C SER A 484 9.26 -22.86 -6.58
N LYS A 485 9.15 -22.25 -5.41
CA LYS A 485 8.05 -21.33 -5.14
C LYS A 485 8.46 -19.87 -5.28
N PHE A 486 9.31 -19.60 -6.26
CA PHE A 486 9.79 -18.25 -6.53
C PHE A 486 9.64 -17.96 -8.02
N PHE A 487 8.58 -17.27 -8.40
CA PHE A 487 8.36 -16.99 -9.83
C PHE A 487 7.38 -15.85 -10.12
N VAL A 488 7.37 -15.41 -11.37
CA VAL A 488 6.47 -14.36 -11.83
C VAL A 488 5.62 -14.98 -12.92
N LEU A 489 4.30 -14.95 -12.74
CA LEU A 489 3.38 -15.51 -13.72
C LEU A 489 2.64 -14.37 -14.41
N THR A 490 2.72 -14.36 -15.75
CA THR A 490 2.04 -13.34 -16.54
C THR A 490 1.07 -14.01 -17.51
N ALA A 491 -0.04 -13.34 -17.79
CA ALA A 491 -1.03 -13.90 -18.69
C ALA A 491 -2.14 -12.90 -19.01
N GLN A 492 -2.71 -13.08 -20.19
CA GLN A 492 -3.81 -12.27 -20.63
C GLN A 492 -5.00 -13.19 -20.86
N LEU A 493 -6.14 -12.80 -20.28
CA LEU A 493 -7.35 -13.58 -20.41
C LEU A 493 -8.38 -12.73 -21.14
N GLU A 494 -8.88 -13.25 -22.26
CA GLU A 494 -9.86 -12.54 -23.05
C GLU A 494 -11.23 -13.20 -22.89
N PHE A 495 -12.22 -12.39 -22.53
CA PHE A 495 -13.57 -12.86 -22.30
C PHE A 495 -14.59 -12.32 -23.30
N PRO A 496 -15.61 -13.12 -23.63
CA PRO A 496 -16.63 -12.66 -24.58
C PRO A 496 -17.65 -11.82 -23.81
N ALA A 497 -18.21 -10.80 -24.46
CA ALA A 497 -19.19 -9.93 -23.82
C ALA A 497 -20.31 -10.75 -23.20
N SER A 498 -20.52 -11.96 -23.72
CA SER A 498 -21.56 -12.84 -23.22
C SER A 498 -21.23 -13.43 -21.85
N ALA A 499 -20.01 -13.17 -21.38
CA ALA A 499 -19.57 -13.70 -20.10
C ALA A 499 -19.97 -12.84 -18.92
N ARG A 500 -20.15 -11.53 -19.13
CA ARG A 500 -20.50 -10.63 -18.03
C ARG A 500 -21.66 -11.17 -17.20
N SER A 501 -22.66 -11.71 -17.88
CA SER A 501 -23.84 -12.23 -17.20
C SER A 501 -23.66 -13.65 -16.68
N SER A 502 -22.60 -14.32 -17.12
CA SER A 502 -22.38 -15.70 -16.70
C SER A 502 -21.70 -15.82 -15.35
N PRO A 503 -21.82 -17.00 -14.74
CA PRO A 503 -21.22 -17.27 -13.43
C PRO A 503 -19.79 -17.78 -13.70
N LEU A 504 -19.19 -17.26 -14.77
CA LEU A 504 -17.85 -17.65 -15.18
C LEU A 504 -16.76 -17.35 -14.14
N GLN A 505 -15.79 -18.26 -14.07
CA GLN A 505 -14.63 -18.15 -13.19
C GLN A 505 -13.46 -18.73 -13.97
N SER A 506 -12.47 -17.93 -14.26
CA SER A 506 -11.32 -18.41 -15.01
C SER A 506 -10.03 -17.85 -14.43
N GLY A 507 -8.99 -18.66 -14.37
CA GLY A 507 -7.72 -18.21 -13.87
C GLY A 507 -6.67 -19.29 -13.90
N PHE A 508 -6.02 -19.51 -12.76
CA PHE A 508 -5.00 -20.53 -12.65
C PHE A 508 -5.00 -21.14 -11.26
N GLU A 509 -4.32 -22.27 -11.14
CA GLU A 509 -4.11 -22.93 -9.87
C GLU A 509 -2.58 -22.89 -9.74
N ILE A 510 -2.08 -22.38 -8.62
CA ILE A 510 -0.64 -22.31 -8.42
C ILE A 510 -0.25 -22.99 -7.13
N LEU A 511 1.05 -23.13 -6.90
CA LEU A 511 1.55 -23.77 -5.68
C LEU A 511 0.78 -25.07 -5.49
N ALA A 512 0.60 -25.81 -6.58
CA ALA A 512 -0.19 -27.04 -6.54
C ALA A 512 0.52 -28.37 -6.65
N SER A 513 -0.06 -29.37 -5.99
CA SER A 513 0.38 -30.75 -5.92
C SER A 513 -0.93 -31.50 -5.63
N GLU A 514 -0.84 -32.76 -5.28
CA GLU A 514 -2.06 -33.53 -5.04
C GLU A 514 -2.78 -33.01 -3.80
N LEU A 515 -2.04 -32.80 -2.72
CA LEU A 515 -2.65 -32.37 -1.48
C LEU A 515 -2.76 -30.87 -1.24
N GLU A 516 -2.36 -30.05 -2.21
CA GLU A 516 -2.41 -28.59 -2.05
C GLU A 516 -2.59 -27.83 -3.36
N ARG A 517 -3.16 -26.63 -3.25
CA ARG A 517 -3.37 -25.78 -4.41
C ARG A 517 -3.92 -24.43 -3.97
N THR A 518 -3.60 -23.40 -4.75
CA THR A 518 -4.07 -22.04 -4.49
C THR A 518 -4.70 -21.56 -5.80
N ALA A 519 -5.96 -21.16 -5.74
CA ALA A 519 -6.67 -20.71 -6.93
C ALA A 519 -6.73 -19.20 -7.06
N ILE A 520 -6.51 -18.72 -8.28
CA ILE A 520 -6.55 -17.29 -8.60
C ILE A 520 -7.39 -17.17 -9.87
N TYR A 521 -8.55 -16.54 -9.76
CA TYR A 521 -9.42 -16.42 -10.93
C TYR A 521 -10.27 -15.16 -10.99
N TYR A 522 -10.75 -14.86 -12.19
CA TYR A 522 -11.61 -13.70 -12.37
C TYR A 522 -13.02 -14.22 -12.25
N GLN A 523 -13.90 -13.38 -11.71
CA GLN A 523 -15.29 -13.75 -11.51
C GLN A 523 -16.17 -12.58 -11.92
N PHE A 524 -17.00 -12.77 -12.95
CA PHE A 524 -17.89 -11.70 -13.42
C PHE A 524 -19.08 -11.44 -12.49
N SER A 525 -19.55 -12.49 -11.81
CA SER A 525 -20.67 -12.37 -10.89
C SER A 525 -20.56 -11.08 -10.08
N ASN A 526 -19.41 -10.85 -9.46
CA ASN A 526 -19.21 -9.62 -8.71
C ASN A 526 -17.95 -8.92 -9.21
N GLU A 527 -17.61 -9.14 -10.47
CA GLU A 527 -16.42 -8.53 -11.06
C GLU A 527 -15.28 -8.41 -10.03
N SER A 528 -14.70 -9.55 -9.68
CA SER A 528 -13.59 -9.60 -8.74
C SER A 528 -12.51 -10.62 -9.04
N LEU A 529 -11.37 -10.36 -8.72
CA LEU A 529 -10.24 -11.27 -8.85
C LEU A 529 -10.26 -11.93 -7.48
N VAL A 530 -10.24 -13.25 -7.47
CA VAL A 530 -10.31 -14.02 -6.23
C VAL A 530 -9.17 -14.98 -5.99
N VAL A 531 -8.71 -15.02 -4.75
CA VAL A 531 -7.65 -15.94 -4.36
C VAL A 531 -8.25 -16.89 -3.34
N ASP A 532 -8.64 -18.08 -3.81
CA ASP A 532 -9.24 -19.11 -2.97
C ASP A 532 -8.09 -19.82 -2.27
N ARG A 533 -7.99 -19.65 -0.95
CA ARG A 533 -6.91 -20.27 -0.17
C ARG A 533 -7.40 -21.45 0.67
N SER A 534 -8.60 -21.94 0.35
CA SER A 534 -9.18 -23.02 1.11
C SER A 534 -8.35 -24.30 1.06
N GLN A 535 -7.57 -24.49 -0.01
CA GLN A 535 -6.73 -25.68 -0.13
C GLN A 535 -5.25 -25.34 -0.20
N THR A 536 -4.90 -24.10 0.11
CA THR A 536 -3.51 -23.68 0.02
C THR A 536 -2.54 -24.47 0.88
N SER A 537 -2.87 -24.68 2.14
CA SER A 537 -1.95 -25.39 3.06
C SER A 537 -2.41 -26.67 3.72
N ALA A 538 -1.69 -27.76 3.44
CA ALA A 538 -2.00 -29.06 4.02
C ALA A 538 -1.94 -28.98 5.55
N ALA A 539 -1.24 -27.97 6.07
CA ALA A 539 -1.09 -27.82 7.51
C ALA A 539 -2.18 -26.95 8.15
N ALA A 540 -2.91 -26.23 7.32
CA ALA A 540 -3.95 -25.32 7.83
C ALA A 540 -5.09 -25.97 8.60
N PRO A 541 -5.60 -27.12 8.15
CA PRO A 541 -6.70 -27.75 8.87
C PRO A 541 -6.51 -27.87 10.38
N THR A 542 -5.32 -28.30 10.80
CA THR A 542 -5.05 -28.45 12.24
C THR A 542 -4.34 -27.25 12.89
N ASN A 543 -4.04 -26.21 12.11
CA ASN A 543 -3.39 -25.02 12.65
C ASN A 543 -4.16 -23.79 12.19
N PRO A 544 -5.23 -23.45 12.92
CA PRO A 544 -6.07 -22.30 12.59
C PRO A 544 -5.33 -20.97 12.45
N GLY A 545 -4.10 -20.92 12.95
CA GLY A 545 -3.29 -19.71 12.84
C GLY A 545 -3.03 -19.38 11.38
N LEU A 546 -2.95 -20.40 10.55
CA LEU A 546 -2.73 -20.23 9.11
C LEU A 546 -4.09 -19.92 8.48
N ASP A 547 -4.40 -18.64 8.34
CA ASP A 547 -5.68 -18.26 7.75
C ASP A 547 -5.84 -18.82 6.35
N SER A 548 -7.04 -19.29 6.05
CA SER A 548 -7.33 -19.89 4.75
C SER A 548 -8.58 -19.30 4.12
N PHE A 549 -9.07 -18.18 4.66
CA PHE A 549 -10.26 -17.55 4.12
C PHE A 549 -9.96 -16.90 2.76
N THR A 550 -10.99 -16.80 1.93
CA THR A 550 -10.88 -16.25 0.59
C THR A 550 -10.58 -14.74 0.53
N GLU A 551 -9.67 -14.38 -0.38
CA GLU A 551 -9.28 -12.99 -0.60
C GLU A 551 -9.83 -12.61 -1.97
N SER A 552 -10.31 -11.37 -2.12
CA SER A 552 -10.82 -10.91 -3.40
C SER A 552 -10.80 -9.40 -3.49
N GLY A 553 -10.84 -8.89 -4.72
CA GLY A 553 -10.85 -7.46 -4.95
C GLY A 553 -11.65 -7.12 -6.19
N LYS A 554 -12.30 -5.97 -6.19
CA LYS A 554 -13.10 -5.57 -7.34
C LYS A 554 -12.25 -5.06 -8.50
N LEU A 555 -12.54 -5.55 -9.69
CA LEU A 555 -11.85 -5.14 -10.91
C LEU A 555 -12.84 -5.19 -12.08
N ARG A 556 -13.26 -4.03 -12.55
CA ARG A 556 -14.20 -3.97 -13.66
C ARG A 556 -13.48 -3.95 -15.02
N LEU A 557 -13.89 -4.86 -15.88
CA LEU A 557 -13.34 -4.94 -17.22
C LEU A 557 -14.32 -4.15 -18.09
N PHE A 558 -13.87 -3.02 -18.62
CA PHE A 558 -14.70 -2.16 -19.44
C PHE A 558 -14.85 -2.59 -20.90
N ASP A 559 -15.99 -2.23 -21.50
CA ASP A 559 -16.22 -2.53 -22.90
C ASP A 559 -15.40 -1.47 -23.61
N VAL A 560 -14.54 -1.87 -24.53
CA VAL A 560 -13.71 -0.91 -25.24
C VAL A 560 -13.62 -1.24 -26.74
N ILE A 561 -13.02 -0.33 -27.50
CA ILE A 561 -12.85 -0.50 -28.93
C ILE A 561 -11.36 -0.64 -29.23
N GLU A 562 -11.02 -1.92 -29.37
CA GLU A 562 -9.67 -2.44 -29.48
C GLU A 562 -9.22 -2.35 -30.92
N ASN A 563 -9.87 -3.05 -31.86
CA ASN A 563 -9.40 -2.71 -33.20
C ASN A 563 -10.60 -2.35 -34.06
N GLY A 564 -11.15 -1.19 -33.73
CA GLY A 564 -12.22 -0.60 -34.49
C GLY A 564 -13.35 -1.49 -34.08
N GLN A 565 -13.03 -2.42 -33.18
CA GLN A 565 -14.09 -3.32 -32.77
C GLN A 565 -14.30 -3.26 -31.26
N GLU A 566 -15.49 -3.65 -30.81
CA GLU A 566 -15.79 -3.65 -29.38
C GLU A 566 -15.42 -5.00 -28.79
N GLN A 567 -15.06 -4.99 -27.51
CA GLN A 567 -14.67 -6.21 -26.82
C GLN A 567 -14.55 -5.90 -25.33
N VAL A 568 -14.65 -6.94 -24.49
CA VAL A 568 -14.50 -6.75 -23.06
C VAL A 568 -13.00 -6.51 -22.90
N GLU A 569 -12.63 -5.48 -22.16
CA GLU A 569 -11.21 -5.17 -21.93
C GLU A 569 -10.44 -6.41 -21.51
N THR A 570 -9.20 -6.53 -21.97
CA THR A 570 -8.37 -7.69 -21.62
C THR A 570 -7.89 -7.64 -20.17
N LEU A 571 -7.93 -8.80 -19.50
CA LEU A 571 -7.46 -8.90 -18.13
C LEU A 571 -5.98 -9.18 -18.27
N ASP A 572 -5.17 -8.21 -17.88
CA ASP A 572 -3.72 -8.32 -17.96
C ASP A 572 -3.16 -8.64 -16.57
N LEU A 573 -2.89 -9.92 -16.32
CA LEU A 573 -2.40 -10.39 -15.03
C LEU A 573 -0.90 -10.58 -14.86
N THR A 574 -0.45 -10.31 -13.64
CA THR A 574 0.94 -10.48 -13.26
C THR A 574 0.92 -10.96 -11.82
N VAL A 575 1.29 -12.23 -11.61
CA VAL A 575 1.30 -12.74 -10.25
C VAL A 575 2.73 -13.02 -9.82
N VAL A 576 3.13 -12.36 -8.74
CA VAL A 576 4.46 -12.54 -8.21
C VAL A 576 4.39 -13.38 -6.96
N VAL A 577 5.19 -14.51 -6.90
CA VAL A 577 5.22 -15.43 -5.77
C VAL A 577 6.64 -15.50 -5.24
N ASP A 578 6.94 -14.56 -4.20
CA ASP A 578 8.21 -14.67 -3.49
C ASP A 578 7.90 -15.59 -2.35
N ASN A 579 7.72 -16.87 -2.66
CA ASN A 579 7.54 -17.87 -1.62
C ASN A 579 6.10 -17.86 -1.11
N ALA A 580 5.92 -17.61 0.19
CA ALA A 580 4.55 -17.52 0.69
C ALA A 580 3.86 -16.18 0.40
N VAL A 581 4.64 -15.18 -0.01
CA VAL A 581 4.06 -13.87 -0.32
C VAL A 581 3.59 -13.87 -1.76
N VAL A 582 2.27 -13.75 -1.94
CA VAL A 582 1.67 -13.73 -3.27
C VAL A 582 1.08 -12.36 -3.57
N GLU A 583 1.53 -11.73 -4.66
CA GLU A 583 1.00 -10.43 -5.06
C GLU A 583 0.36 -10.55 -6.45
N VAL A 584 -0.92 -10.22 -6.54
CA VAL A 584 -1.67 -10.28 -7.78
C VAL A 584 -1.92 -8.86 -8.32
N TYR A 585 -1.35 -8.58 -9.49
CA TYR A 585 -1.48 -7.28 -10.14
C TYR A 585 -2.35 -7.42 -11.37
N ALA A 586 -3.15 -6.40 -11.65
CA ALA A 586 -4.01 -6.46 -12.83
C ALA A 586 -4.18 -5.10 -13.50
N ASN A 587 -4.00 -5.12 -14.82
CA ASN A 587 -4.16 -3.94 -15.68
C ASN A 587 -3.56 -2.62 -15.18
N GLY A 588 -2.42 -2.71 -14.49
CA GLY A 588 -1.77 -1.52 -13.95
C GLY A 588 -2.58 -0.68 -12.99
N ARG A 589 -3.83 -1.08 -12.72
CA ARG A 589 -4.68 -0.26 -11.88
C ARG A 589 -5.34 -1.07 -10.76
N PHE A 590 -4.75 -2.26 -10.27
CA PHE A 590 -5.25 -3.21 -9.28
C PHE A 590 -4.13 -3.94 -8.57
N ALA A 591 -4.24 -4.41 -7.31
CA ALA A 591 -3.29 -5.15 -6.50
C ALA A 591 -4.02 -5.84 -5.35
N LEU A 592 -3.77 -7.14 -5.20
CA LEU A 592 -4.35 -7.94 -4.13
C LEU A 592 -3.22 -8.86 -3.67
N SER A 593 -2.85 -8.71 -2.40
CA SER A 593 -1.76 -9.51 -1.82
C SER A 593 -2.20 -10.29 -0.58
N THR A 594 -1.61 -11.47 -0.41
CA THR A 594 -1.96 -12.34 0.70
C THR A 594 -0.84 -13.34 0.97
N TRP A 595 -1.04 -14.17 1.99
CA TRP A 595 -0.08 -15.22 2.34
C TRP A 595 -0.62 -16.55 1.81
N ALA A 596 0.25 -17.32 1.15
CA ALA A 596 -0.13 -18.63 0.62
C ALA A 596 0.88 -19.62 1.19
N ARG A 597 0.70 -19.95 2.46
CA ARG A 597 1.61 -20.85 3.17
C ARG A 597 1.42 -22.32 2.80
N SER A 598 1.79 -22.67 1.58
CA SER A 598 1.77 -24.06 1.13
C SER A 598 2.88 -24.77 1.89
N TRP A 599 2.72 -26.08 2.13
CA TRP A 599 3.68 -26.86 2.90
C TRP A 599 4.71 -27.72 2.16
N TYR A 600 4.24 -28.54 1.24
CA TYR A 600 5.13 -29.45 0.51
C TYR A 600 6.04 -28.77 -0.52
N ASP A 601 7.26 -29.30 -0.69
CA ASP A 601 8.18 -28.74 -1.68
C ASP A 601 7.63 -29.05 -3.07
N ASN A 602 6.88 -30.14 -3.18
CA ASN A 602 6.30 -30.56 -4.45
C ASN A 602 5.18 -29.66 -4.96
N SER A 603 4.60 -28.88 -4.06
CA SER A 603 3.51 -27.97 -4.43
C SER A 603 4.03 -26.79 -5.24
N THR A 604 4.40 -27.04 -6.49
CA THR A 604 4.86 -25.99 -7.39
C THR A 604 4.25 -26.08 -8.80
N GLN A 605 3.21 -26.98 -8.97
CA GLN A 605 2.55 -27.11 -10.27
C GLN A 605 1.69 -25.88 -10.50
N ILE A 606 1.52 -25.53 -11.76
CA ILE A 606 0.67 -24.42 -12.17
C ILE A 606 -0.30 -25.00 -13.22
N ARG A 607 -1.58 -24.68 -13.10
CA ARG A 607 -2.59 -25.19 -14.04
C ARG A 607 -3.53 -24.09 -14.52
N PHE A 608 -4.11 -24.29 -15.71
CA PHE A 608 -5.10 -23.37 -16.28
C PHE A 608 -6.40 -23.80 -15.61
N PHE A 609 -7.27 -22.86 -15.27
CA PHE A 609 -8.55 -23.20 -14.63
C PHE A 609 -9.73 -22.52 -15.32
N HIS A 610 -10.83 -23.25 -15.46
CA HIS A 610 -12.06 -22.72 -16.06
C HIS A 610 -13.20 -23.54 -15.51
N ASN A 611 -14.29 -22.89 -15.11
CA ASN A 611 -15.41 -23.61 -14.54
C ASN A 611 -16.53 -23.93 -15.54
N GLY A 612 -16.12 -23.90 -16.82
CA GLY A 612 -17.17 -24.37 -17.71
C GLY A 612 -18.27 -23.37 -18.00
N GLU A 613 -18.41 -22.30 -17.16
CA GLU A 613 -19.37 -21.23 -17.35
C GLU A 613 -18.76 -20.13 -18.20
N GLY A 614 -19.32 -19.89 -19.38
CA GLY A 614 -18.78 -18.88 -20.25
C GLY A 614 -17.58 -19.44 -21.00
N GLU A 615 -16.78 -18.56 -21.58
CA GLU A 615 -15.60 -18.97 -22.34
C GLU A 615 -14.44 -18.05 -22.07
N VAL A 616 -13.22 -18.59 -22.09
CA VAL A 616 -12.05 -17.78 -21.85
C VAL A 616 -10.90 -18.12 -22.79
N GLN A 617 -10.15 -17.09 -23.17
CA GLN A 617 -9.00 -17.28 -24.04
C GLN A 617 -7.75 -16.77 -23.34
N PHE A 618 -6.78 -17.67 -23.19
CA PHE A 618 -5.52 -17.35 -22.57
C PHE A 618 -4.48 -17.01 -23.64
N ARG A 619 -3.83 -15.87 -23.49
CA ARG A 619 -2.81 -15.44 -24.43
C ARG A 619 -1.58 -14.95 -23.68
N ASN A 620 -0.41 -15.12 -24.30
CA ASN A 620 0.85 -14.69 -23.71
C ASN A 620 1.02 -15.14 -22.27
N VAL A 621 0.85 -16.44 -22.02
CA VAL A 621 1.01 -16.99 -20.70
C VAL A 621 2.50 -17.32 -20.60
N SER A 622 3.14 -16.91 -19.51
CA SER A 622 4.55 -17.20 -19.34
C SER A 622 4.95 -17.21 -17.87
N VAL A 623 6.05 -17.87 -17.58
CA VAL A 623 6.55 -17.95 -16.22
C VAL A 623 8.04 -17.72 -16.16
N SER A 624 8.46 -16.80 -15.30
CA SER A 624 9.87 -16.49 -15.07
C SER A 624 10.19 -17.01 -13.67
N GLU A 625 11.10 -17.97 -13.56
CA GLU A 625 11.43 -18.53 -12.26
C GLU A 625 12.74 -18.07 -11.64
N GLY A 626 12.95 -17.95 -10.42
CA GLY A 626 14.13 -17.55 -9.69
C GLY A 626 14.09 -16.24 -8.93
N LEU A 627 13.47 -15.22 -9.51
CA LEU A 627 13.36 -13.92 -8.84
C LEU A 627 14.76 -13.41 -8.56
N TYR A 628 14.99 -12.88 -7.36
CA TYR A 628 16.36 -12.50 -7.01
C TYR A 628 16.49 -12.26 -5.51
N ASN A 629 17.73 -12.06 -5.05
CA ASN A 629 17.99 -11.83 -3.64
C ASN A 629 17.99 -10.34 -3.31
N ALA A 630 16.99 -9.90 -2.53
CA ALA A 630 16.88 -8.49 -2.17
C ALA A 630 17.91 -8.02 -1.13
N TRP A 631 18.53 -8.96 -0.43
CA TRP A 631 19.52 -8.61 0.59
C TRP A 631 20.84 -9.36 0.43
N PRO A 632 21.65 -9.00 -0.58
CA PRO A 632 22.94 -9.66 -0.81
C PRO A 632 23.86 -9.66 0.41
N GLU A 633 24.01 -8.50 1.05
CA GLU A 633 24.86 -8.36 2.22
C GLU A 633 24.55 -9.30 3.38
N ARG A 634 23.32 -9.82 3.45
CA ARG A 634 22.98 -10.73 4.54
C ARG A 634 23.53 -12.12 4.21
#